data_8H8Q
#
_entry.id   8H8Q
#
_cell.length_a   40.040
_cell.length_b   94.150
_cell.length_c   115.440
_cell.angle_alpha   90.000
_cell.angle_beta   90.000
_cell.angle_gamma   90.000
#
_symmetry.space_group_name_H-M   'P 21 21 21'
#
loop_
_entity.id
_entity.type
_entity.pdbx_description
1 polymer Fab
2 polymer Fab
3 polymer GLN-LYS-CYS-VAL-PHE-PHE-ALA-GLU-ASP-VAL-GLY-SER-ASN-CYS-GLY
4 non-polymer 'CHLORIDE ION'
5 non-polymer 'SODIUM ION'
6 water water
#
loop_
_entity_poly.entity_id
_entity_poly.type
_entity_poly.pdbx_seq_one_letter_code
_entity_poly.pdbx_strand_id
1 'polypeptide(L)'
;DIVMTQSPSSLALSVGQKVTMNCKSSQSLLNSDNQKNYLAWYQQKPGQSPKLLIYFASTRESGVPDRFMGSGSGTDFNLS
ISSVQPEDLADYFCQQHYSPPLSFGAGTRLELKRADAAPTVSIFPPSSEQLTSGGASVVCFLNNFYPKDINVKWKIDGSE
RQNGVLNSWTDQDSKDSTYSMSSTLTLTKDEYERHNSYTCEATHKTSTSPIVKSFNRN
;
L
2 'polypeptide(L)'
;QVQLQQPGAELVRPGSSVKLSCRASGYTFTSYWVSWVQQRPGQGLEWIGMIHPSDGEARLNQKFKDKATLTVDKSSTTVY
MQLSSPTSEDSAVYYCALFDGYYPWFASWGQGTLVTVSAAKTTPPSVYPLAPGSAAQTNSMVTLGCLVKGYFPEPVTVTW
NSGSLSSGVHTFPAVLQSDLYTLSSSVTVPSSTWPSETVTCNVAHPASSTKVDKKIVPRD
;
H
3 'polypeptide(L)' QKCVFFAEDVGSNCG A
#
# COMPACT_ATOMS: atom_id res chain seq x y z
N ASP A 1 -2.36 5.25 -26.07
CA ASP A 1 -1.63 4.47 -25.04
C ASP A 1 -2.16 3.04 -25.02
N ILE A 2 -1.28 2.09 -24.70
CA ILE A 2 -1.65 0.69 -24.60
C ILE A 2 -2.11 0.40 -23.17
N VAL A 3 -3.29 -0.21 -23.05
CA VAL A 3 -3.90 -0.47 -21.75
C VAL A 3 -3.72 -1.96 -21.42
N MET A 4 -3.28 -2.22 -20.19
CA MET A 4 -2.97 -3.57 -19.75
C MET A 4 -3.96 -3.97 -18.65
N THR A 5 -4.62 -5.11 -18.83
CA THR A 5 -5.61 -5.59 -17.89
C THR A 5 -5.17 -6.94 -17.33
N GLN A 6 -4.90 -6.98 -16.01
CA GLN A 6 -4.51 -8.20 -15.34
C GLN A 6 -5.72 -8.79 -14.63
N SER A 7 -5.69 -10.12 -14.45
CA SER A 7 -6.72 -10.83 -13.72
C SER A 7 -6.21 -12.24 -13.38
N PRO A 8 -6.59 -12.80 -12.21
CA PRO A 8 -7.45 -12.10 -11.25
C PRO A 8 -6.64 -11.11 -10.41
N SER A 9 -7.34 -10.39 -9.54
CA SER A 9 -6.70 -9.34 -8.75
C SER A 9 -6.02 -9.95 -7.52
N SER A 10 -6.44 -11.17 -7.14
CA SER A 10 -5.83 -11.88 -6.03
C SER A 10 -6.10 -13.38 -6.15
N LEU A 11 -5.18 -14.18 -5.62
CA LEU A 11 -5.27 -15.64 -5.68
C LEU A 11 -4.83 -16.23 -4.34
N ALA A 12 -5.69 -17.06 -3.76
CA ALA A 12 -5.34 -17.82 -2.56
C ALA A 12 -4.90 -19.22 -2.99
N LEU A 13 -3.69 -19.61 -2.56
CA LEU A 13 -3.10 -20.86 -3.02
C LEU A 13 -2.39 -21.56 -1.86
N SER A 14 -2.04 -22.83 -2.09
CA SER A 14 -1.27 -23.61 -1.15
C SER A 14 0.14 -23.82 -1.69
N VAL A 15 1.12 -23.86 -0.79
CA VAL A 15 2.51 -24.11 -1.16
C VAL A 15 2.56 -25.39 -1.98
N GLY A 16 3.13 -25.30 -3.20
CA GLY A 16 3.32 -26.47 -4.05
C GLY A 16 2.42 -26.43 -5.28
N GLN A 17 1.28 -25.72 -5.16
CA GLN A 17 0.33 -25.61 -6.25
C GLN A 17 0.98 -24.93 -7.46
N LYS A 18 0.43 -25.21 -8.64
CA LYS A 18 0.69 -24.40 -9.82
C LYS A 18 -0.35 -23.29 -9.87
N VAL A 19 0.06 -22.12 -10.40
CA VAL A 19 -0.82 -20.97 -10.48
C VAL A 19 -0.61 -20.29 -11.82
N THR A 20 -1.66 -19.59 -12.30
CA THR A 20 -1.60 -18.89 -13.57
C THR A 20 -2.22 -17.51 -13.42
N MET A 21 -1.55 -16.51 -14.01
CA MET A 21 -2.02 -15.13 -14.02
C MET A 21 -2.22 -14.70 -15.46
N ASN A 22 -3.20 -13.81 -15.68
CA ASN A 22 -3.52 -13.37 -17.02
C ASN A 22 -3.21 -11.88 -17.16
N CYS A 23 -2.70 -11.51 -18.33
CA CYS A 23 -2.45 -10.11 -18.68
C CYS A 23 -2.82 -9.89 -20.14
N LYS A 24 -3.80 -9.01 -20.37
CA LYS A 24 -4.27 -8.71 -21.70
C LYS A 24 -3.90 -7.27 -22.06
N SER A 25 -3.54 -7.05 -23.33
CA SER A 25 -3.20 -5.73 -23.82
C SER A 25 -4.25 -5.26 -24.83
N SER A 26 -4.43 -3.94 -24.93
CA SER A 26 -5.45 -3.35 -25.77
C SER A 26 -5.05 -3.42 -27.24
N GLN A 27 -3.80 -3.83 -27.51
CA GLN A 27 -3.35 -4.12 -28.85
C GLN A 27 -2.22 -5.14 -28.80
N SER A 28 -1.89 -5.71 -29.97
CA SER A 28 -0.87 -6.74 -30.07
C SER A 28 0.49 -6.19 -29.65
N LEU A 29 1.27 -7.03 -28.96
CA LEU A 29 2.61 -6.69 -28.54
C LEU A 29 3.62 -7.47 -29.38
N LEU A 30 3.12 -8.12 -30.43
CA LEU A 30 3.97 -8.94 -31.29
C LEU A 30 4.61 -8.07 -32.36
N ASN A 31 5.95 -8.10 -32.40
CA ASN A 31 6.72 -7.44 -33.45
C ASN A 31 6.98 -8.46 -34.56
N SER A 32 6.51 -8.14 -35.78
CA SER A 32 6.58 -9.07 -36.89
C SER A 32 8.03 -9.27 -37.33
N ASP A 33 8.86 -8.26 -37.13
CA ASP A 33 10.24 -8.29 -37.58
C ASP A 33 10.97 -9.50 -36.98
N ASN A 34 10.76 -9.73 -35.68
CA ASN A 34 11.52 -10.75 -34.97
C ASN A 34 10.58 -11.75 -34.31
N GLN A 35 9.27 -11.58 -34.54
CA GLN A 35 8.26 -12.52 -34.05
C GLN A 35 8.38 -12.67 -32.53
N LYS A 36 8.62 -11.56 -31.84
CA LYS A 36 8.73 -11.59 -30.38
C LYS A 36 7.66 -10.69 -29.78
N ASN A 37 7.18 -11.08 -28.60
CA ASN A 37 6.12 -10.36 -27.91
C ASN A 37 6.74 -9.50 -26.82
N TYR A 38 6.40 -8.21 -26.82
CA TYR A 38 7.09 -7.23 -25.99
C TYR A 38 6.33 -7.03 -24.68
N LEU A 39 6.44 -8.02 -23.80
CA LEU A 39 5.81 -7.97 -22.49
C LEU A 39 6.81 -8.40 -21.42
N ALA A 40 6.77 -7.71 -20.27
CA ALA A 40 7.61 -8.05 -19.13
C ALA A 40 6.74 -8.32 -17.91
N TRP A 41 7.30 -9.07 -16.96
CA TRP A 41 6.63 -9.40 -15.71
C TRP A 41 7.53 -9.01 -14.54
N TYR A 42 6.92 -8.48 -13.46
CA TYR A 42 7.66 -8.09 -12.28
C TYR A 42 7.03 -8.69 -11.03
N GLN A 43 7.88 -8.92 -10.02
CA GLN A 43 7.45 -9.33 -8.70
C GLN A 43 7.78 -8.23 -7.70
N GLN A 44 6.82 -7.89 -6.84
CA GLN A 44 7.04 -6.91 -5.79
C GLN A 44 6.59 -7.48 -4.46
N LYS A 45 7.56 -7.76 -3.58
CA LYS A 45 7.27 -8.19 -2.22
C LYS A 45 6.86 -6.96 -1.42
N PRO A 46 6.09 -7.13 -0.32
CA PRO A 46 5.64 -6.00 0.49
C PRO A 46 6.80 -5.19 1.05
N GLY A 47 6.79 -3.88 0.76
CA GLY A 47 7.80 -2.96 1.27
C GLY A 47 9.04 -2.91 0.37
N GLN A 48 9.09 -3.80 -0.63
CA GLN A 48 10.23 -3.86 -1.53
C GLN A 48 9.86 -3.19 -2.86
N SER A 49 10.89 -2.93 -3.67
CA SER A 49 10.69 -2.41 -5.02
C SER A 49 10.47 -3.58 -5.98
N PRO A 50 9.97 -3.32 -7.21
CA PRO A 50 9.75 -4.40 -8.17
C PRO A 50 11.04 -5.11 -8.58
N LYS A 51 10.88 -6.37 -9.02
CA LYS A 51 12.00 -7.18 -9.47
C LYS A 51 11.61 -7.84 -10.78
N LEU A 52 12.48 -7.71 -11.79
CA LEU A 52 12.21 -8.22 -13.12
C LEU A 52 12.27 -9.74 -13.11
N LEU A 53 11.23 -10.37 -13.65
CA LEU A 53 11.16 -11.82 -13.78
C LEU A 53 11.36 -12.21 -15.25
N ILE A 54 10.48 -11.68 -16.11
CA ILE A 54 10.37 -12.13 -17.49
C ILE A 54 10.43 -10.92 -18.41
N TYR A 55 11.04 -11.10 -19.58
CA TYR A 55 10.97 -10.12 -20.66
C TYR A 55 10.81 -10.87 -21.99
N PHE A 56 10.28 -10.18 -22.99
CA PHE A 56 9.93 -10.80 -24.27
C PHE A 56 8.95 -11.95 -24.02
N ALA A 57 8.14 -11.80 -22.95
CA ALA A 57 6.99 -12.65 -22.73
C ALA A 57 7.38 -13.97 -22.05
N SER A 58 8.57 -14.49 -22.37
CA SER A 58 8.90 -15.85 -21.96
C SER A 58 10.38 -16.01 -21.62
N THR A 59 11.15 -14.92 -21.62
CA THR A 59 12.55 -14.99 -21.28
C THR A 59 12.75 -14.58 -19.82
N ARG A 60 13.41 -15.45 -19.04
CA ARG A 60 13.69 -15.15 -17.64
C ARG A 60 14.96 -14.31 -17.54
N GLU A 61 14.93 -13.32 -16.64
CA GLU A 61 16.12 -12.59 -16.26
C GLU A 61 17.02 -13.54 -15.48
N SER A 62 18.34 -13.40 -15.65
CA SER A 62 19.29 -14.27 -14.99
C SER A 62 19.04 -14.26 -13.49
N GLY A 63 19.06 -15.46 -12.90
CA GLY A 63 18.89 -15.62 -11.45
C GLY A 63 17.42 -15.81 -11.06
N VAL A 64 16.56 -16.00 -12.06
CA VAL A 64 15.14 -16.23 -11.81
C VAL A 64 14.87 -17.73 -11.94
N PRO A 65 14.31 -18.38 -10.88
CA PRO A 65 14.05 -19.81 -10.91
C PRO A 65 13.11 -20.21 -12.04
N ASP A 66 13.29 -21.42 -12.56
CA ASP A 66 12.61 -21.87 -13.77
C ASP A 66 11.23 -22.41 -13.42
N ARG A 67 10.75 -22.13 -12.20
CA ARG A 67 9.37 -22.44 -11.85
C ARG A 67 8.48 -21.28 -12.28
N PHE A 68 9.11 -20.14 -12.57
CA PHE A 68 8.42 -19.01 -13.18
C PHE A 68 8.40 -19.20 -14.70
N MET A 69 7.21 -19.07 -15.28
CA MET A 69 7.01 -19.42 -16.69
C MET A 69 6.11 -18.38 -17.34
N GLY A 70 6.67 -17.68 -18.35
CA GLY A 70 5.92 -16.72 -19.12
C GLY A 70 5.47 -17.30 -20.47
N SER A 71 4.20 -17.09 -20.81
CA SER A 71 3.66 -17.57 -22.07
C SER A 71 2.67 -16.55 -22.63
N GLY A 72 2.18 -16.80 -23.84
CA GLY A 72 1.20 -15.95 -24.48
C GLY A 72 1.72 -15.34 -25.77
N SER A 73 0.84 -14.63 -26.48
CA SER A 73 1.17 -14.00 -27.74
C SER A 73 0.11 -12.97 -28.10
N GLY A 74 0.51 -11.97 -28.89
CA GLY A 74 -0.41 -10.93 -29.34
C GLY A 74 -0.91 -10.07 -28.19
N THR A 75 -2.09 -10.44 -27.67
CA THR A 75 -2.80 -9.60 -26.72
C THR A 75 -3.14 -10.38 -25.46
N ASP A 76 -2.76 -11.66 -25.41
CA ASP A 76 -3.09 -12.52 -24.28
C ASP A 76 -1.83 -13.20 -23.77
N PHE A 77 -1.58 -13.06 -22.47
CA PHE A 77 -0.33 -13.50 -21.86
C PHE A 77 -0.61 -14.04 -20.46
N ASN A 78 0.21 -14.99 -20.02
CA ASN A 78 0.05 -15.62 -18.73
C ASN A 78 1.40 -15.72 -18.02
N LEU A 79 1.36 -15.63 -16.69
CA LEU A 79 2.52 -15.98 -15.87
C LEU A 79 2.11 -17.12 -14.94
N SER A 80 2.85 -18.23 -15.03
CA SER A 80 2.56 -19.41 -14.24
C SER A 80 3.74 -19.72 -13.32
N ILE A 81 3.43 -20.35 -12.18
CA ILE A 81 4.44 -20.88 -11.28
C ILE A 81 4.13 -22.34 -11.03
N SER A 82 5.11 -23.20 -11.34
CA SER A 82 4.91 -24.64 -11.29
C SER A 82 4.69 -25.11 -9.85
N SER A 83 5.52 -24.61 -8.93
CA SER A 83 5.39 -24.91 -7.52
C SER A 83 5.57 -23.62 -6.70
N VAL A 84 4.44 -23.04 -6.27
CA VAL A 84 4.46 -21.79 -5.53
C VAL A 84 5.16 -22.03 -4.19
N GLN A 85 6.24 -21.27 -3.96
CA GLN A 85 6.96 -21.31 -2.70
C GLN A 85 6.46 -20.17 -1.82
N PRO A 86 6.79 -20.17 -0.51
CA PRO A 86 6.33 -19.13 0.40
C PRO A 86 6.85 -17.74 0.04
N GLU A 87 8.03 -17.69 -0.58
CA GLU A 87 8.68 -16.44 -0.93
C GLU A 87 8.08 -15.87 -2.21
N ASP A 88 7.18 -16.63 -2.84
CA ASP A 88 6.54 -16.22 -4.08
C ASP A 88 5.27 -15.44 -3.77
N LEU A 89 4.83 -15.49 -2.50
CA LEU A 89 3.68 -14.73 -2.07
C LEU A 89 4.00 -13.24 -2.18
N ALA A 90 3.51 -12.61 -3.26
CA ALA A 90 3.81 -11.22 -3.55
C ALA A 90 2.83 -10.69 -4.59
N ASP A 91 3.03 -9.42 -4.96
CA ASP A 91 2.32 -8.80 -6.06
C ASP A 91 3.07 -9.10 -7.36
N TYR A 92 2.31 -9.21 -8.46
CA TYR A 92 2.91 -9.42 -9.77
C TYR A 92 2.27 -8.48 -10.79
N PHE A 93 3.12 -7.79 -11.57
CA PHE A 93 2.67 -6.81 -12.54
C PHE A 93 3.22 -7.17 -13.92
N CYS A 94 2.39 -6.96 -14.95
CA CYS A 94 2.85 -7.07 -16.32
C CYS A 94 3.08 -5.68 -16.88
N GLN A 95 4.02 -5.58 -17.83
CA GLN A 95 4.32 -4.32 -18.50
C GLN A 95 4.58 -4.58 -19.98
N GLN A 96 3.97 -3.75 -20.83
CA GLN A 96 4.26 -3.77 -22.26
C GLN A 96 5.48 -2.89 -22.51
N HIS A 97 6.49 -3.47 -23.16
CA HIS A 97 7.68 -2.73 -23.55
C HIS A 97 7.72 -2.62 -25.07
N TYR A 98 6.54 -2.43 -25.66
CA TYR A 98 6.37 -2.38 -27.10
C TYR A 98 6.64 -0.97 -27.62
N SER A 99 5.99 0.01 -26.97
CA SER A 99 6.08 1.40 -27.38
C SER A 99 5.78 2.29 -26.18
N PRO A 100 6.33 3.53 -26.16
CA PRO A 100 6.02 4.49 -25.09
C PRO A 100 4.66 5.14 -25.31
N PRO A 101 3.97 5.59 -24.23
CA PRO A 101 4.48 5.44 -22.87
C PRO A 101 4.37 4.02 -22.33
N LEU A 102 5.41 3.58 -21.61
CA LEU A 102 5.40 2.29 -20.94
C LEU A 102 4.21 2.24 -19.99
N SER A 103 3.47 1.13 -20.03
CA SER A 103 2.29 0.98 -19.21
C SER A 103 2.29 -0.39 -18.53
N PHE A 104 1.69 -0.46 -17.34
CA PHE A 104 1.63 -1.67 -16.56
C PHE A 104 0.17 -2.06 -16.32
N GLY A 105 -0.02 -3.30 -15.83
CA GLY A 105 -1.31 -3.73 -15.32
C GLY A 105 -1.45 -3.38 -13.83
N ALA A 106 -2.67 -3.50 -13.31
CA ALA A 106 -2.98 -3.11 -11.94
C ALA A 106 -2.40 -4.12 -10.96
N GLY A 107 -2.18 -5.36 -11.43
CA GLY A 107 -1.45 -6.34 -10.65
C GLY A 107 -2.33 -7.51 -10.19
N THR A 108 -1.66 -8.62 -9.83
CA THR A 108 -2.31 -9.76 -9.20
C THR A 108 -1.55 -10.09 -7.90
N ARG A 109 -2.30 -10.36 -6.84
CA ARG A 109 -1.71 -10.67 -5.55
C ARG A 109 -1.91 -12.14 -5.22
N LEU A 110 -0.80 -12.82 -4.90
CA LEU A 110 -0.84 -14.18 -4.40
C LEU A 110 -0.81 -14.17 -2.87
N GLU A 111 -1.68 -14.98 -2.26
CA GLU A 111 -1.77 -15.04 -0.82
C GLU A 111 -2.04 -16.48 -0.39
N LEU A 112 -1.60 -16.79 0.84
CA LEU A 112 -1.63 -18.15 1.35
C LEU A 112 -3.06 -18.53 1.72
N LYS A 113 -3.45 -19.75 1.35
CA LYS A 113 -4.79 -20.26 1.61
C LYS A 113 -4.82 -20.92 2.98
N ARG A 114 -6.01 -20.92 3.60
CA ARG A 114 -6.22 -21.59 4.87
C ARG A 114 -7.71 -21.77 5.12
N ALA A 115 -8.06 -22.42 6.23
CA ALA A 115 -9.44 -22.69 6.58
C ALA A 115 -10.14 -21.40 6.99
N ASP A 116 -11.46 -21.36 6.77
CA ASP A 116 -12.27 -20.22 7.12
C ASP A 116 -12.08 -19.90 8.60
N ALA A 117 -12.08 -18.61 8.94
CA ALA A 117 -12.05 -18.16 10.31
C ALA A 117 -13.04 -17.00 10.48
N ALA A 118 -13.93 -17.14 11.46
CA ALA A 118 -14.94 -16.12 11.72
C ALA A 118 -14.28 -14.89 12.32
N PRO A 119 -14.64 -13.68 11.85
CA PRO A 119 -14.13 -12.44 12.44
C PRO A 119 -14.64 -12.24 13.87
N THR A 120 -13.74 -11.75 14.74
CA THR A 120 -14.13 -11.32 16.07
C THR A 120 -14.42 -9.84 16.04
N VAL A 121 -15.71 -9.48 16.17
CA VAL A 121 -16.15 -8.10 16.01
C VAL A 121 -16.32 -7.47 17.39
N SER A 122 -15.83 -6.24 17.52
CA SER A 122 -15.92 -5.48 18.77
C SER A 122 -16.21 -4.03 18.46
N ILE A 123 -17.12 -3.43 19.23
CA ILE A 123 -17.51 -2.05 19.02
C ILE A 123 -17.22 -1.24 20.28
N PHE A 124 -16.60 -0.07 20.11
CA PHE A 124 -16.19 0.77 21.22
C PHE A 124 -16.81 2.16 21.08
N PRO A 125 -17.45 2.69 22.15
CA PRO A 125 -17.96 4.06 22.13
C PRO A 125 -16.83 5.08 22.20
N PRO A 126 -17.13 6.39 22.06
CA PRO A 126 -16.13 7.43 22.26
C PRO A 126 -15.68 7.51 23.71
N SER A 127 -14.38 7.74 23.92
CA SER A 127 -13.85 7.93 25.27
C SER A 127 -14.30 9.29 25.80
N SER A 128 -14.37 9.41 27.12
CA SER A 128 -14.70 10.67 27.77
C SER A 128 -13.64 11.72 27.42
N GLU A 129 -12.39 11.28 27.30
CA GLU A 129 -11.27 12.17 27.06
C GLU A 129 -11.43 12.84 25.70
N GLN A 130 -12.06 12.14 24.75
CA GLN A 130 -12.24 12.66 23.40
C GLN A 130 -13.46 13.57 23.37
N LEU A 131 -14.53 13.14 24.04
CA LEU A 131 -15.78 13.89 24.09
C LEU A 131 -15.52 15.30 24.62
N THR A 132 -14.60 15.39 25.59
CA THR A 132 -14.25 16.68 26.19
C THR A 132 -13.74 17.62 25.11
N SER A 133 -13.08 17.06 24.08
CA SER A 133 -12.51 17.85 23.00
C SER A 133 -13.53 18.06 21.89
N GLY A 134 -14.76 17.60 22.11
CA GLY A 134 -15.86 17.86 21.19
C GLY A 134 -15.84 16.91 19.99
N GLY A 135 -14.97 15.90 20.04
CA GLY A 135 -14.91 14.88 18.99
C GLY A 135 -15.53 13.56 19.46
N ALA A 136 -15.99 12.76 18.50
CA ALA A 136 -16.63 11.49 18.82
C ALA A 136 -16.25 10.44 17.78
N SER A 137 -15.33 9.54 18.17
CA SER A 137 -14.88 8.47 17.29
C SER A 137 -15.36 7.13 17.81
N VAL A 138 -16.30 6.51 17.07
CA VAL A 138 -16.79 5.18 17.39
C VAL A 138 -15.97 4.17 16.59
N VAL A 139 -15.40 3.19 17.28
CA VAL A 139 -14.44 2.28 16.68
C VAL A 139 -15.04 0.87 16.64
N CYS A 140 -14.70 0.12 15.58
CA CYS A 140 -15.15 -1.26 15.41
C CYS A 140 -14.00 -2.10 14.85
N PHE A 141 -13.66 -3.17 15.58
CA PHE A 141 -12.59 -4.07 15.18
C PHE A 141 -13.18 -5.38 14.67
N LEU A 142 -12.67 -5.84 13.52
CA LEU A 142 -13.01 -7.15 12.99
C LEU A 142 -11.70 -7.92 12.75
N ASN A 143 -11.38 -8.85 13.66
CA ASN A 143 -10.04 -9.39 13.75
C ASN A 143 -10.04 -10.87 13.40
N ASN A 144 -8.96 -11.29 12.71
CA ASN A 144 -8.62 -12.70 12.54
C ASN A 144 -9.72 -13.42 11.77
N PHE A 145 -10.02 -12.91 10.57
CA PHE A 145 -11.02 -13.52 9.71
C PHE A 145 -10.38 -13.97 8.41
N TYR A 146 -10.99 -15.00 7.78
CA TYR A 146 -10.55 -15.49 6.49
C TYR A 146 -11.73 -16.16 5.79
N PRO A 147 -11.92 -15.93 4.47
CA PRO A 147 -11.02 -15.09 3.68
C PRO A 147 -11.24 -13.59 3.91
N LYS A 148 -10.59 -12.78 3.08
CA LYS A 148 -10.52 -11.34 3.30
C LYS A 148 -11.80 -10.66 2.83
N ASP A 149 -12.52 -11.29 1.91
CA ASP A 149 -13.78 -10.75 1.42
C ASP A 149 -14.73 -10.55 2.59
N ILE A 150 -15.07 -9.28 2.85
CA ILE A 150 -15.94 -8.94 3.96
C ILE A 150 -16.62 -7.61 3.66
N ASN A 151 -17.84 -7.45 4.19
CA ASN A 151 -18.59 -6.20 4.05
C ASN A 151 -18.98 -5.70 5.43
N VAL A 152 -18.58 -4.46 5.73
CA VAL A 152 -18.86 -3.84 7.02
C VAL A 152 -19.71 -2.59 6.80
N LYS A 153 -20.74 -2.42 7.62
CA LYS A 153 -21.65 -1.29 7.51
C LYS A 153 -21.96 -0.73 8.89
N TRP A 154 -21.99 0.60 8.97
CA TRP A 154 -22.37 1.31 10.18
C TRP A 154 -23.85 1.68 10.11
N LYS A 155 -24.55 1.57 11.25
CA LYS A 155 -25.93 1.99 11.35
C LYS A 155 -26.09 2.88 12.59
N ILE A 156 -26.74 4.03 12.38
CA ILE A 156 -27.06 4.94 13.47
C ILE A 156 -28.57 4.95 13.66
N ASP A 157 -29.03 4.47 14.82
CA ASP A 157 -30.45 4.42 15.14
C ASP A 157 -31.21 3.76 14.00
N GLY A 158 -30.62 2.71 13.42
CA GLY A 158 -31.30 1.89 12.44
C GLY A 158 -30.78 2.10 11.01
N SER A 159 -30.60 3.38 10.63
CA SER A 159 -30.28 3.72 9.24
C SER A 159 -28.77 3.70 9.02
N GLU A 160 -28.37 3.27 7.82
CA GLU A 160 -26.97 3.07 7.49
C GLU A 160 -26.23 4.40 7.39
N ARG A 161 -24.93 4.36 7.68
CA ARG A 161 -24.07 5.53 7.63
C ARG A 161 -22.78 5.16 6.92
N GLN A 162 -22.35 6.01 5.97
CA GLN A 162 -21.14 5.75 5.20
C GLN A 162 -20.15 6.90 5.37
N ASN A 163 -20.66 8.14 5.38
CA ASN A 163 -19.81 9.32 5.43
C ASN A 163 -19.22 9.47 6.84
N GLY A 164 -17.92 9.73 6.88
CA GLY A 164 -17.20 9.91 8.14
C GLY A 164 -16.57 8.60 8.61
N VAL A 165 -16.54 7.61 7.73
CA VAL A 165 -16.04 6.29 8.06
C VAL A 165 -14.71 6.07 7.34
N LEU A 166 -13.67 5.74 8.11
CA LEU A 166 -12.36 5.41 7.58
C LEU A 166 -11.99 3.99 7.98
N ASN A 167 -11.56 3.19 6.99
CA ASN A 167 -11.24 1.79 7.22
C ASN A 167 -9.73 1.60 7.10
N SER A 168 -9.21 0.56 7.77
CA SER A 168 -7.80 0.22 7.71
C SER A 168 -7.64 -1.29 7.78
N TRP A 169 -6.77 -1.82 6.92
CA TRP A 169 -6.57 -3.26 6.79
C TRP A 169 -5.14 -3.64 7.19
N THR A 170 -5.00 -4.84 7.76
CA THR A 170 -3.70 -5.44 7.95
C THR A 170 -3.43 -6.40 6.80
N ASP A 171 -2.15 -6.71 6.57
CA ASP A 171 -1.75 -7.73 5.62
C ASP A 171 -2.10 -9.10 6.21
N GLN A 172 -2.10 -10.13 5.36
CA GLN A 172 -2.26 -11.49 5.82
C GLN A 172 -1.25 -11.73 6.93
N ASP A 173 -1.74 -12.23 8.08
CA ASP A 173 -0.90 -12.40 9.25
C ASP A 173 0.20 -13.43 8.95
N SER A 174 1.38 -13.18 9.51
CA SER A 174 2.54 -14.02 9.24
C SER A 174 2.49 -15.29 10.10
N LYS A 175 1.53 -15.35 11.02
CA LYS A 175 1.44 -16.45 11.95
C LYS A 175 0.25 -17.36 11.62
N ASP A 176 -0.94 -16.78 11.49
CA ASP A 176 -2.16 -17.56 11.37
C ASP A 176 -2.83 -17.34 10.01
N SER A 177 -2.20 -16.50 9.17
CA SER A 177 -2.63 -16.34 7.79
C SER A 177 -4.00 -15.68 7.70
N THR A 178 -4.38 -14.93 8.73
CA THR A 178 -5.70 -14.30 8.77
C THR A 178 -5.56 -12.82 8.41
N TYR A 179 -6.72 -12.17 8.22
CA TYR A 179 -6.77 -10.73 8.02
C TYR A 179 -7.53 -10.09 9.18
N SER A 180 -7.24 -8.81 9.41
CA SER A 180 -7.96 -8.01 10.40
C SER A 180 -8.25 -6.64 9.80
N MET A 181 -9.31 -5.99 10.29
CA MET A 181 -9.74 -4.73 9.73
C MET A 181 -10.20 -3.80 10.85
N SER A 182 -10.01 -2.49 10.63
CA SER A 182 -10.44 -1.46 11.56
C SER A 182 -11.38 -0.50 10.84
N SER A 183 -12.47 -0.13 11.53
CA SER A 183 -13.41 0.83 10.99
C SER A 183 -13.73 1.88 12.04
N THR A 184 -13.54 3.15 11.68
CA THR A 184 -13.75 4.26 12.61
C THR A 184 -14.76 5.24 12.00
N LEU A 185 -15.85 5.47 12.73
CA LEU A 185 -16.83 6.49 12.37
C LEU A 185 -16.61 7.71 13.27
N THR A 186 -16.21 8.82 12.66
CA THR A 186 -15.94 10.04 13.41
C THR A 186 -17.08 11.03 13.23
N LEU A 187 -17.67 11.45 14.35
CA LEU A 187 -18.73 12.44 14.37
C LEU A 187 -18.29 13.61 15.24
N THR A 188 -19.12 14.66 15.28
CA THR A 188 -19.01 15.69 16.28
C THR A 188 -19.71 15.22 17.55
N LYS A 189 -19.30 15.76 18.70
CA LYS A 189 -19.95 15.44 19.96
C LYS A 189 -21.44 15.75 19.83
N ASP A 190 -21.75 16.88 19.17
CA ASP A 190 -23.11 17.32 18.98
C ASP A 190 -23.89 16.22 18.25
N GLU A 191 -23.30 15.68 17.19
CA GLU A 191 -23.94 14.70 16.33
C GLU A 191 -24.10 13.38 17.10
N TYR A 192 -23.07 13.01 17.85
CA TYR A 192 -23.05 11.76 18.58
C TYR A 192 -24.22 11.69 19.55
N GLU A 193 -24.57 12.84 20.14
CA GLU A 193 -25.52 12.89 21.24
C GLU A 193 -26.95 13.05 20.70
N ARG A 194 -27.09 13.03 19.37
CA ARG A 194 -28.40 13.13 18.75
C ARG A 194 -29.02 11.74 18.62
N HIS A 195 -28.18 10.71 18.76
CA HIS A 195 -28.61 9.33 18.57
C HIS A 195 -28.17 8.49 19.76
N ASN A 196 -28.75 7.30 19.89
CA ASN A 196 -28.50 6.43 21.03
C ASN A 196 -27.87 5.11 20.57
N SER A 197 -28.37 4.58 19.46
CA SER A 197 -27.97 3.26 18.98
C SER A 197 -26.90 3.39 17.90
N TYR A 198 -25.76 2.73 18.13
CA TYR A 198 -24.68 2.68 17.15
C TYR A 198 -24.31 1.23 16.89
N THR A 199 -24.35 0.84 15.60
CA THR A 199 -24.23 -0.56 15.20
C THR A 199 -23.06 -0.75 14.25
N CYS A 200 -22.38 -1.90 14.41
CA CYS A 200 -21.34 -2.33 13.49
C CYS A 200 -21.72 -3.69 12.92
N GLU A 201 -21.94 -3.75 11.60
CA GLU A 201 -22.38 -4.96 10.94
C GLU A 201 -21.30 -5.49 10.00
N ALA A 202 -21.19 -6.82 9.94
CA ALA A 202 -20.24 -7.48 9.07
C ALA A 202 -20.92 -8.67 8.39
N THR A 203 -20.81 -8.73 7.06
CA THR A 203 -21.22 -9.90 6.31
C THR A 203 -19.98 -10.69 5.89
N HIS A 204 -19.91 -11.94 6.32
CA HIS A 204 -18.75 -12.78 6.05
C HIS A 204 -19.21 -14.19 5.70
N LYS A 205 -18.30 -14.95 5.09
CA LYS A 205 -18.57 -16.28 4.58
C LYS A 205 -18.86 -17.25 5.72
N THR A 206 -18.25 -16.99 6.87
CA THR A 206 -18.33 -17.92 8.01
C THR A 206 -19.70 -17.82 8.68
N SER A 207 -20.54 -16.88 8.21
CA SER A 207 -21.83 -16.65 8.83
C SER A 207 -22.91 -16.42 7.76
N THR A 208 -24.03 -17.12 7.93
CA THR A 208 -25.16 -17.00 7.02
C THR A 208 -25.97 -15.77 7.39
N SER A 209 -25.70 -15.21 8.57
CA SER A 209 -26.35 -13.98 9.00
C SER A 209 -25.29 -12.91 9.23
N PRO A 210 -25.68 -11.62 9.32
CA PRO A 210 -24.74 -10.54 9.60
C PRO A 210 -24.29 -10.55 11.06
N ILE A 211 -22.98 -10.37 11.29
CA ILE A 211 -22.46 -10.21 12.63
C ILE A 211 -22.79 -8.79 13.08
N VAL A 212 -23.65 -8.67 14.10
CA VAL A 212 -24.14 -7.39 14.56
C VAL A 212 -23.62 -7.14 15.97
N LYS A 213 -22.78 -6.11 16.12
CA LYS A 213 -22.40 -5.59 17.42
C LYS A 213 -22.87 -4.15 17.52
N SER A 214 -23.54 -3.81 18.62
CA SER A 214 -24.11 -2.48 18.80
C SER A 214 -24.02 -2.05 20.25
N PHE A 215 -24.18 -0.74 20.48
CA PHE A 215 -24.25 -0.20 21.83
C PHE A 215 -25.26 0.94 21.85
N ASN A 216 -25.91 1.09 23.02
CA ASN A 216 -26.83 2.19 23.25
C ASN A 216 -26.19 3.13 24.28
N ARG A 217 -26.25 4.43 24.02
CA ARG A 217 -25.59 5.41 24.86
C ARG A 217 -26.14 5.35 26.28
N ASN A 218 -27.35 4.79 26.42
CA ASN A 218 -27.98 4.62 27.72
C ASN A 218 -27.32 3.46 28.45
N GLN B 1 28.20 -3.92 -9.53
CA GLN B 1 26.78 -3.97 -9.93
C GLN B 1 26.18 -2.56 -9.96
N VAL B 2 25.09 -2.40 -10.70
CA VAL B 2 24.39 -1.13 -10.80
C VAL B 2 23.73 -0.81 -9.47
N GLN B 3 23.72 0.48 -9.10
CA GLN B 3 23.04 0.93 -7.90
C GLN B 3 22.27 2.20 -8.20
N LEU B 4 21.09 2.32 -7.58
CA LEU B 4 20.28 3.53 -7.65
C LEU B 4 19.90 3.93 -6.22
N GLN B 5 20.51 5.02 -5.74
CA GLN B 5 20.34 5.45 -4.36
C GLN B 5 19.23 6.50 -4.29
N GLN B 6 18.15 6.15 -3.57
CA GLN B 6 17.06 7.05 -3.29
C GLN B 6 16.90 7.20 -1.79
N PRO B 7 16.41 8.36 -1.29
CA PRO B 7 16.04 8.50 0.12
C PRO B 7 14.76 7.74 0.39
N GLY B 8 14.63 7.21 1.61
CA GLY B 8 13.47 6.41 2.00
C GLY B 8 12.18 7.21 1.94
N ALA B 9 12.22 8.46 2.41
CA ALA B 9 11.03 9.27 2.55
C ALA B 9 11.34 10.74 2.28
N GLU B 10 10.28 11.50 1.95
CA GLU B 10 10.39 12.94 1.76
C GLU B 10 9.06 13.59 2.15
N LEU B 11 9.16 14.64 2.98
CA LEU B 11 7.99 15.42 3.37
C LEU B 11 7.92 16.66 2.50
N VAL B 12 6.73 16.91 1.94
CA VAL B 12 6.52 18.07 1.08
C VAL B 12 5.22 18.76 1.50
N ARG B 13 5.25 20.10 1.52
CA ARG B 13 4.08 20.89 1.85
C ARG B 13 3.26 21.12 0.59
N PRO B 14 1.90 21.12 0.68
CA PRO B 14 1.05 21.37 -0.48
C PRO B 14 1.38 22.70 -1.17
N GLY B 15 1.48 22.66 -2.50
CA GLY B 15 1.78 23.85 -3.28
C GLY B 15 3.27 24.15 -3.32
N SER B 16 4.05 23.42 -2.50
CA SER B 16 5.48 23.62 -2.43
C SER B 16 6.20 22.52 -3.18
N SER B 17 7.07 22.91 -4.13
CA SER B 17 7.75 21.97 -5.01
C SER B 17 8.76 21.15 -4.22
N VAL B 18 8.92 19.88 -4.63
CA VAL B 18 9.88 18.98 -4.02
C VAL B 18 10.78 18.38 -5.10
N LYS B 19 12.05 18.19 -4.76
CA LYS B 19 13.03 17.67 -5.70
C LYS B 19 13.54 16.33 -5.20
N LEU B 20 13.13 15.25 -5.89
CA LEU B 20 13.50 13.90 -5.51
C LEU B 20 14.83 13.54 -6.15
N SER B 21 15.67 12.81 -5.40
CA SER B 21 17.02 12.49 -5.83
C SER B 21 17.16 11.00 -6.11
N CYS B 22 18.01 10.67 -7.08
CA CYS B 22 18.32 9.29 -7.44
C CYS B 22 19.74 9.24 -8.00
N ARG B 23 20.68 8.80 -7.17
CA ARG B 23 22.08 8.78 -7.55
C ARG B 23 22.41 7.41 -8.16
N ALA B 24 23.05 7.44 -9.33
CA ALA B 24 23.31 6.24 -10.10
C ALA B 24 24.80 5.89 -10.03
N SER B 25 25.08 4.59 -9.97
CA SER B 25 26.44 4.07 -9.98
C SER B 25 26.45 2.72 -10.70
N GLY B 26 27.65 2.28 -11.08
CA GLY B 26 27.86 0.92 -11.55
C GLY B 26 27.74 0.79 -13.08
N TYR B 27 27.47 1.90 -13.75
CA TYR B 27 27.40 1.91 -15.21
C TYR B 27 27.77 3.30 -15.72
N THR B 28 27.98 3.41 -17.03
CA THR B 28 28.24 4.70 -17.66
C THR B 28 26.96 5.55 -17.58
N PHE B 29 27.02 6.59 -16.74
CA PHE B 29 25.86 7.39 -16.38
C PHE B 29 25.34 8.16 -17.60
N THR B 30 26.25 8.45 -18.54
CA THR B 30 25.95 9.36 -19.63
C THR B 30 25.47 8.63 -20.87
N SER B 31 25.13 7.34 -20.74
CA SER B 31 24.81 6.52 -21.90
C SER B 31 23.38 5.98 -21.84
N TYR B 32 22.76 6.00 -20.65
CA TYR B 32 21.49 5.32 -20.46
C TYR B 32 20.45 6.25 -19.85
N TRP B 33 19.17 6.00 -20.19
CA TRP B 33 18.04 6.73 -19.64
C TRP B 33 17.79 6.31 -18.20
N VAL B 34 17.29 7.26 -17.40
CA VAL B 34 16.81 6.97 -16.06
C VAL B 34 15.32 7.34 -15.99
N SER B 35 14.48 6.36 -15.66
CA SER B 35 13.05 6.56 -15.63
C SER B 35 12.58 6.85 -14.20
N TRP B 36 11.38 7.43 -14.09
CA TRP B 36 10.72 7.63 -12.82
C TRP B 36 9.35 6.97 -12.86
N VAL B 37 9.01 6.26 -11.78
CA VAL B 37 7.78 5.46 -11.72
C VAL B 37 7.05 5.80 -10.43
N GLN B 38 5.73 6.01 -10.56
CA GLN B 38 4.88 6.35 -9.43
C GLN B 38 4.08 5.13 -9.01
N GLN B 39 3.94 4.95 -7.69
CA GLN B 39 3.09 3.90 -7.15
C GLN B 39 2.25 4.45 -6.02
N ARG B 40 1.01 4.83 -6.33
CA ARG B 40 0.06 5.26 -5.33
C ARG B 40 -0.18 4.11 -4.35
N PRO B 41 -0.51 4.41 -3.08
CA PRO B 41 -0.72 3.36 -2.07
C PRO B 41 -1.87 2.42 -2.45
N GLY B 42 -1.53 1.14 -2.67
CA GLY B 42 -2.50 0.12 -3.02
C GLY B 42 -2.72 0.02 -4.53
N GLN B 43 -2.19 1.00 -5.27
CA GLN B 43 -2.38 1.06 -6.72
C GLN B 43 -1.19 0.42 -7.41
N GLY B 44 -1.21 0.43 -8.74
CA GLY B 44 -0.16 -0.17 -9.55
C GLY B 44 0.95 0.83 -9.89
N LEU B 45 1.74 0.49 -10.91
CA LEU B 45 2.87 1.30 -11.32
C LEU B 45 2.45 2.16 -12.52
N GLU B 46 2.99 3.38 -12.57
CA GLU B 46 2.69 4.30 -13.65
C GLU B 46 3.96 5.04 -14.06
N TRP B 47 4.31 4.95 -15.35
CA TRP B 47 5.53 5.52 -15.88
C TRP B 47 5.36 7.03 -16.04
N ILE B 48 6.26 7.79 -15.41
CA ILE B 48 6.19 9.25 -15.42
C ILE B 48 6.95 9.78 -16.63
N GLY B 49 8.20 9.33 -16.77
CA GLY B 49 9.07 9.76 -17.85
C GLY B 49 10.52 9.35 -17.60
N MET B 50 11.43 9.84 -18.44
CA MET B 50 12.84 9.51 -18.33
C MET B 50 13.69 10.70 -18.77
N ILE B 51 14.97 10.67 -18.37
CA ILE B 51 15.91 11.71 -18.73
C ILE B 51 17.25 11.05 -19.06
N HIS B 52 17.93 11.57 -20.08
CA HIS B 52 19.20 11.02 -20.54
C HIS B 52 20.32 11.96 -20.10
N PRO B 53 21.26 11.49 -19.25
CA PRO B 53 22.28 12.38 -18.66
C PRO B 53 23.34 12.85 -19.64
N SER B 54 23.26 12.41 -20.90
CA SER B 54 24.21 12.83 -21.92
C SER B 54 24.13 14.34 -22.13
N ASP B 55 22.90 14.85 -22.24
CA ASP B 55 22.69 16.29 -22.43
C ASP B 55 21.45 16.73 -21.66
N GLY B 56 20.81 15.81 -20.96
CA GLY B 56 19.70 16.14 -20.08
C GLY B 56 18.35 16.13 -20.78
N GLU B 57 18.31 15.60 -22.01
CA GLU B 57 17.08 15.45 -22.75
C GLU B 57 16.11 14.57 -21.94
N ALA B 58 14.83 14.93 -21.97
CA ALA B 58 13.82 14.23 -21.19
C ALA B 58 12.60 13.95 -22.06
N ARG B 59 11.98 12.79 -21.82
CA ARG B 59 10.70 12.44 -22.43
C ARG B 59 9.72 12.04 -21.33
N LEU B 60 8.59 12.75 -21.28
CA LEU B 60 7.61 12.58 -20.22
C LEU B 60 6.36 11.90 -20.76
N ASN B 61 5.71 11.11 -19.89
CA ASN B 61 4.35 10.65 -20.11
C ASN B 61 3.44 11.88 -20.05
N GLN B 62 2.66 12.10 -21.11
CA GLN B 62 1.91 13.32 -21.30
C GLN B 62 1.00 13.60 -20.11
N LYS B 63 0.67 12.55 -19.34
CA LYS B 63 -0.21 12.69 -18.20
C LYS B 63 0.50 13.47 -17.08
N PHE B 64 1.83 13.51 -17.13
CA PHE B 64 2.60 14.19 -16.11
C PHE B 64 3.39 15.36 -16.73
N LYS B 65 2.99 15.77 -17.93
CA LYS B 65 3.72 16.79 -18.67
C LYS B 65 3.80 18.08 -17.87
N ASP B 66 2.71 18.41 -17.17
CA ASP B 66 2.62 19.66 -16.43
C ASP B 66 2.78 19.39 -14.94
N LYS B 67 3.27 18.19 -14.59
CA LYS B 67 3.33 17.78 -13.20
C LYS B 67 4.78 17.61 -12.77
N ALA B 68 5.62 17.04 -13.65
CA ALA B 68 6.96 16.63 -13.27
C ALA B 68 8.01 17.30 -14.15
N THR B 69 9.15 17.62 -13.55
CA THR B 69 10.28 18.21 -14.25
C THR B 69 11.54 17.44 -13.90
N LEU B 70 12.24 16.94 -14.93
CA LEU B 70 13.41 16.09 -14.74
C LEU B 70 14.68 16.89 -15.00
N THR B 71 15.67 16.73 -14.11
CA THR B 71 16.95 17.42 -14.23
C THR B 71 18.08 16.48 -13.84
N VAL B 72 19.29 16.80 -14.29
CA VAL B 72 20.45 15.96 -14.08
C VAL B 72 21.55 16.78 -13.40
N ASP B 73 22.40 16.09 -12.64
CA ASP B 73 23.65 16.66 -12.13
C ASP B 73 24.76 15.65 -12.36
N LYS B 74 25.54 15.86 -13.42
CA LYS B 74 26.50 14.88 -13.91
C LYS B 74 27.75 14.87 -13.04
N SER B 75 27.93 15.92 -12.24
CA SER B 75 29.08 16.00 -11.35
C SER B 75 28.90 15.03 -10.19
N SER B 76 27.63 14.70 -9.87
CA SER B 76 27.32 13.79 -8.79
C SER B 76 26.45 12.64 -9.31
N THR B 77 26.53 12.38 -10.61
CA THR B 77 25.79 11.30 -11.24
C THR B 77 24.44 11.12 -10.55
N THR B 78 23.69 12.21 -10.44
CA THR B 78 22.39 12.19 -9.79
C THR B 78 21.33 12.72 -10.74
N VAL B 79 20.16 12.05 -10.72
CA VAL B 79 19.00 12.51 -11.47
C VAL B 79 17.94 12.98 -10.49
N TYR B 80 17.21 14.02 -10.87
CA TYR B 80 16.18 14.60 -10.01
C TYR B 80 14.86 14.68 -10.76
N MET B 81 13.77 14.45 -10.02
CA MET B 81 12.44 14.74 -10.52
C MET B 81 11.75 15.68 -9.54
N GLN B 82 11.13 16.74 -10.08
CA GLN B 82 10.48 17.73 -9.27
C GLN B 82 8.97 17.70 -9.53
N LEU B 83 8.18 17.87 -8.46
CA LEU B 83 6.75 17.92 -8.56
C LEU B 83 6.26 19.34 -8.24
N SER B 84 5.50 19.92 -9.17
CA SER B 84 4.99 21.27 -9.02
C SER B 84 3.59 21.24 -8.42
N SER B 85 3.28 22.28 -7.63
CA SER B 85 1.99 22.39 -6.96
C SER B 85 1.50 21.02 -6.52
N PRO B 86 2.20 20.37 -5.55
CA PRO B 86 1.81 19.03 -5.09
C PRO B 86 0.66 19.07 -4.09
N THR B 87 -0.25 18.10 -4.23
CA THR B 87 -1.35 17.92 -3.28
C THR B 87 -1.23 16.54 -2.65
N SER B 88 -2.26 16.14 -1.90
CA SER B 88 -2.26 14.87 -1.20
C SER B 88 -2.41 13.72 -2.19
N GLU B 89 -2.91 14.03 -3.40
CA GLU B 89 -3.05 13.04 -4.46
C GLU B 89 -1.67 12.58 -4.93
N ASP B 90 -0.64 13.34 -4.58
CA ASP B 90 0.71 13.08 -5.07
C ASP B 90 1.49 12.30 -4.01
N SER B 91 0.83 11.95 -2.90
CA SER B 91 1.45 11.13 -1.88
C SER B 91 1.57 9.70 -2.38
N ALA B 92 2.79 9.30 -2.74
CA ALA B 92 3.04 7.97 -3.24
C ALA B 92 4.52 7.63 -3.10
N VAL B 93 4.86 6.37 -3.41
CA VAL B 93 6.26 5.97 -3.54
C VAL B 93 6.70 6.30 -4.97
N TYR B 94 7.85 6.98 -5.09
CA TYR B 94 8.41 7.32 -6.39
C TYR B 94 9.72 6.56 -6.58
N TYR B 95 9.75 5.70 -7.60
CA TYR B 95 10.91 4.90 -7.93
C TYR B 95 11.63 5.51 -9.13
N CYS B 96 12.96 5.50 -9.08
CA CYS B 96 13.77 5.65 -10.27
C CYS B 96 14.23 4.26 -10.72
N ALA B 97 14.25 4.04 -12.03
CA ALA B 97 14.58 2.75 -12.59
C ALA B 97 15.49 2.93 -13.81
N LEU B 98 16.11 1.83 -14.22
CA LEU B 98 17.05 1.86 -15.33
C LEU B 98 16.71 0.71 -16.28
N PHE B 99 16.76 1.00 -17.59
CA PHE B 99 16.45 0.01 -18.60
C PHE B 99 17.52 -1.08 -18.60
N ASP B 100 17.16 -2.25 -19.13
CA ASP B 100 18.10 -3.34 -19.31
C ASP B 100 18.89 -3.05 -20.58
N GLY B 101 19.98 -2.28 -20.43
CA GLY B 101 20.73 -1.76 -21.56
C GLY B 101 19.91 -0.73 -22.33
N TYR B 102 19.56 -1.06 -23.58
CA TYR B 102 18.74 -0.21 -24.40
C TYR B 102 17.37 -0.85 -24.60
N TYR B 103 17.11 -1.92 -23.84
CA TYR B 103 15.85 -2.61 -23.88
C TYR B 103 14.88 -1.95 -22.89
N PRO B 104 13.67 -1.57 -23.35
CA PRO B 104 12.76 -0.75 -22.53
C PRO B 104 11.96 -1.51 -21.48
N TRP B 105 12.65 -2.35 -20.70
CA TRP B 105 12.10 -2.90 -19.48
C TRP B 105 13.09 -2.65 -18.34
N PHE B 106 12.60 -2.77 -17.10
CA PHE B 106 13.33 -2.25 -15.95
C PHE B 106 14.04 -3.39 -15.22
N ALA B 107 15.37 -3.43 -15.38
CA ALA B 107 16.19 -4.47 -14.77
C ALA B 107 16.72 -3.99 -13.42
N SER B 108 16.74 -2.66 -13.21
CA SER B 108 17.26 -2.07 -11.99
C SER B 108 16.29 -1.04 -11.45
N TRP B 109 16.01 -1.10 -10.14
CA TRP B 109 15.15 -0.14 -9.47
C TRP B 109 15.85 0.43 -8.25
N GLY B 110 15.48 1.67 -7.89
CA GLY B 110 15.80 2.22 -6.58
C GLY B 110 14.84 1.68 -5.52
N GLN B 111 15.10 2.01 -4.26
CA GLN B 111 14.31 1.46 -3.16
C GLN B 111 12.97 2.18 -3.12
N GLY B 112 12.90 3.35 -3.76
CA GLY B 112 11.68 4.14 -3.79
C GLY B 112 11.63 5.14 -2.63
N THR B 113 11.20 6.36 -2.94
CA THR B 113 11.05 7.41 -1.94
C THR B 113 9.56 7.61 -1.65
N LEU B 114 9.19 7.41 -0.38
CA LEU B 114 7.82 7.64 0.05
C LEU B 114 7.62 9.13 0.29
N VAL B 115 6.82 9.75 -0.59
CA VAL B 115 6.55 11.18 -0.52
C VAL B 115 5.24 11.39 0.21
N THR B 116 5.31 12.04 1.37
CA THR B 116 4.14 12.40 2.15
C THR B 116 3.84 13.88 1.95
N VAL B 117 2.64 14.18 1.43
CA VAL B 117 2.22 15.55 1.22
C VAL B 117 1.38 16.00 2.42
N SER B 118 1.86 17.03 3.12
CA SER B 118 1.21 17.52 4.33
C SER B 118 1.86 18.84 4.77
N ALA B 119 1.02 19.76 5.22
CA ALA B 119 1.49 21.07 5.66
C ALA B 119 1.59 21.12 7.18
N ALA B 120 1.23 20.01 7.83
CA ALA B 120 1.27 19.92 9.28
C ALA B 120 2.71 19.90 9.77
N LYS B 121 2.90 20.21 11.05
CA LYS B 121 4.20 20.16 11.69
C LYS B 121 4.22 18.99 12.68
N THR B 122 5.40 18.74 13.26
CA THR B 122 5.55 17.68 14.24
C THR B 122 4.50 17.85 15.33
N THR B 123 3.45 17.02 15.27
CA THR B 123 2.36 17.06 16.23
C THR B 123 2.35 15.79 17.06
N PRO B 124 2.17 15.89 18.39
CA PRO B 124 2.08 14.71 19.25
C PRO B 124 0.68 14.11 19.21
N PRO B 125 0.54 12.77 19.35
CA PRO B 125 -0.76 12.11 19.29
C PRO B 125 -1.59 12.26 20.57
N SER B 126 -2.91 12.32 20.41
CA SER B 126 -3.84 12.18 21.52
C SER B 126 -4.23 10.71 21.66
N VAL B 127 -3.92 10.13 22.82
CA VAL B 127 -4.13 8.71 23.05
C VAL B 127 -5.43 8.53 23.84
N TYR B 128 -6.40 7.83 23.22
CA TYR B 128 -7.69 7.60 23.84
C TYR B 128 -7.86 6.12 24.14
N PRO B 129 -8.36 5.76 25.35
CA PRO B 129 -8.64 4.36 25.68
C PRO B 129 -10.01 3.92 25.18
N LEU B 130 -10.07 2.70 24.65
CA LEU B 130 -11.30 2.14 24.12
C LEU B 130 -11.75 0.97 24.99
N ALA B 131 -12.71 1.24 25.88
CA ALA B 131 -13.34 0.19 26.66
C ALA B 131 -14.64 -0.22 26.00
N PRO B 132 -14.93 -1.53 25.88
CA PRO B 132 -16.10 -2.02 25.15
C PRO B 132 -17.42 -1.64 25.82
N GLY B 133 -18.50 -1.63 25.02
CA GLY B 133 -19.82 -1.29 25.50
C GLY B 133 -20.01 -1.65 26.97
N SER B 140 -15.18 -16.36 25.41
CA SER B 140 -15.02 -15.43 26.56
C SER B 140 -13.70 -14.69 26.44
N MET B 141 -13.55 -13.97 25.32
CA MET B 141 -12.39 -13.13 25.06
C MET B 141 -12.84 -11.68 25.01
N VAL B 142 -12.20 -10.82 25.81
CA VAL B 142 -12.54 -9.40 25.84
C VAL B 142 -11.51 -8.64 25.00
N THR B 143 -11.99 -7.67 24.21
CA THR B 143 -11.11 -6.90 23.34
C THR B 143 -11.10 -5.44 23.80
N LEU B 144 -9.89 -4.87 23.80
CA LEU B 144 -9.69 -3.47 24.16
C LEU B 144 -8.94 -2.78 23.03
N GLY B 145 -8.82 -1.44 23.11
CA GLY B 145 -8.14 -0.69 22.06
C GLY B 145 -7.65 0.67 22.54
N CYS B 146 -6.65 1.20 21.81
CA CYS B 146 -6.21 2.57 21.98
C CYS B 146 -6.27 3.29 20.64
N LEU B 147 -6.92 4.47 20.65
CA LEU B 147 -7.03 5.31 19.48
C LEU B 147 -5.95 6.41 19.55
N VAL B 148 -4.97 6.30 18.65
CA VAL B 148 -3.85 7.22 18.60
C VAL B 148 -4.09 8.24 17.49
N LYS B 149 -4.76 9.35 17.83
CA LYS B 149 -5.30 10.26 16.84
C LYS B 149 -4.51 11.57 16.80
N GLY B 150 -4.35 12.10 15.58
CA GLY B 150 -3.83 13.45 15.36
C GLY B 150 -2.35 13.58 15.68
N TYR B 151 -1.52 12.81 14.95
CA TYR B 151 -0.08 12.89 15.12
C TYR B 151 0.60 13.10 13.78
N PHE B 152 1.84 13.61 13.83
CA PHE B 152 2.65 13.84 12.65
C PHE B 152 4.10 13.99 13.06
N PRO B 153 5.05 13.29 12.40
CA PRO B 153 4.71 12.34 11.34
C PRO B 153 4.81 10.89 11.79
N GLU B 154 4.80 9.98 10.82
CA GLU B 154 5.10 8.58 11.08
C GLU B 154 6.55 8.46 11.56
N PRO B 155 6.86 7.46 12.41
CA PRO B 155 5.86 6.52 12.88
C PRO B 155 5.49 6.69 14.35
N VAL B 156 4.62 5.79 14.84
CA VAL B 156 4.35 5.67 16.27
C VAL B 156 4.59 4.21 16.65
N THR B 157 4.77 3.96 17.95
CA THR B 157 4.93 2.62 18.46
C THR B 157 3.88 2.36 19.53
N VAL B 158 3.14 1.25 19.37
CA VAL B 158 2.12 0.87 20.32
C VAL B 158 2.49 -0.50 20.89
N THR B 159 2.46 -0.60 22.23
CA THR B 159 2.62 -1.87 22.93
C THR B 159 1.55 -1.98 23.99
N TRP B 160 1.38 -3.18 24.54
CA TRP B 160 0.37 -3.43 25.56
C TRP B 160 1.02 -4.11 26.75
N ASN B 161 0.89 -3.46 27.91
CA ASN B 161 1.54 -3.90 29.14
C ASN B 161 3.03 -4.14 28.86
N SER B 162 3.60 -3.23 28.06
CA SER B 162 5.05 -3.17 27.84
C SER B 162 5.55 -4.41 27.09
N GLY B 163 4.65 -5.07 26.37
CA GLY B 163 5.05 -6.18 25.50
C GLY B 163 4.58 -7.52 26.01
N SER B 164 4.23 -7.59 27.30
CA SER B 164 3.76 -8.82 27.90
C SER B 164 2.59 -9.39 27.10
N LEU B 165 1.88 -8.50 26.39
CA LEU B 165 0.80 -8.89 25.51
C LEU B 165 1.21 -8.63 24.07
N SER B 166 1.85 -9.63 23.45
CA SER B 166 2.27 -9.54 22.06
C SER B 166 1.24 -10.22 21.16
N SER B 167 0.72 -11.35 21.64
CA SER B 167 -0.35 -12.06 20.96
C SER B 167 -1.68 -11.39 21.29
N GLY B 168 -2.64 -11.47 20.36
CA GLY B 168 -3.94 -10.85 20.53
C GLY B 168 -3.88 -9.35 20.26
N VAL B 169 -2.70 -8.86 19.84
CA VAL B 169 -2.51 -7.45 19.55
C VAL B 169 -2.59 -7.23 18.05
N HIS B 170 -3.44 -6.27 17.65
CA HIS B 170 -3.52 -5.83 16.27
C HIS B 170 -3.31 -4.32 16.21
N THR B 171 -2.17 -3.91 15.65
CA THR B 171 -1.88 -2.50 15.41
C THR B 171 -2.04 -2.24 13.91
N PHE B 172 -2.92 -1.29 13.57
CA PHE B 172 -3.37 -1.12 12.21
C PHE B 172 -2.61 0.01 11.53
N PRO B 173 -2.47 -0.03 10.18
CA PRO B 173 -1.83 1.05 9.44
C PRO B 173 -2.58 2.37 9.64
N ALA B 174 -1.81 3.47 9.74
CA ALA B 174 -2.39 4.79 9.98
C ALA B 174 -3.10 5.28 8.73
N VAL B 175 -4.08 6.16 8.93
CA VAL B 175 -4.78 6.81 7.83
C VAL B 175 -4.57 8.32 7.95
N LEU B 176 -4.21 8.95 6.82
CA LEU B 176 -3.99 10.38 6.75
C LEU B 176 -5.30 11.06 6.33
N GLN B 177 -5.88 11.85 7.24
CA GLN B 177 -7.20 12.43 7.01
C GLN B 177 -7.07 13.93 6.74
N SER B 178 -6.63 14.68 7.75
CA SER B 178 -6.52 16.13 7.66
C SER B 178 -5.10 16.56 8.00
N ASP B 179 -4.15 16.17 7.14
CA ASP B 179 -2.74 16.48 7.34
C ASP B 179 -2.18 15.67 8.50
N LEU B 180 -3.08 15.04 9.27
CA LEU B 180 -2.69 14.32 10.48
C LEU B 180 -2.98 12.83 10.31
N TYR B 181 -2.22 12.01 11.05
CA TYR B 181 -2.39 10.57 11.04
C TYR B 181 -3.25 10.14 12.21
N THR B 182 -4.07 9.11 11.99
CA THR B 182 -4.83 8.47 13.05
C THR B 182 -4.64 6.96 12.96
N LEU B 183 -4.43 6.33 14.11
CA LEU B 183 -4.14 4.92 14.19
C LEU B 183 -4.84 4.32 15.41
N SER B 184 -5.19 3.03 15.31
CA SER B 184 -5.82 2.33 16.42
C SER B 184 -5.14 0.97 16.63
N SER B 185 -5.14 0.53 17.89
CA SER B 185 -4.58 -0.76 18.26
C SER B 185 -5.59 -1.50 19.13
N SER B 186 -5.71 -2.82 18.90
CA SER B 186 -6.58 -3.65 19.72
C SER B 186 -5.76 -4.74 20.40
N VAL B 187 -6.27 -5.20 21.54
CA VAL B 187 -5.70 -6.34 22.24
C VAL B 187 -6.86 -7.21 22.74
N THR B 188 -6.73 -8.52 22.54
CA THR B 188 -7.73 -9.47 22.99
C THR B 188 -7.14 -10.33 24.09
N VAL B 189 -7.86 -10.40 25.22
CA VAL B 189 -7.39 -11.11 26.40
C VAL B 189 -8.55 -11.95 26.95
N PRO B 190 -8.25 -12.94 27.82
CA PRO B 190 -9.32 -13.70 28.49
C PRO B 190 -10.15 -12.79 29.36
N SER B 191 -11.42 -13.16 29.58
CA SER B 191 -12.35 -12.34 30.32
C SER B 191 -11.91 -12.24 31.79
N SER B 192 -11.13 -13.21 32.25
CA SER B 192 -10.71 -13.28 33.63
C SER B 192 -9.64 -12.24 33.95
N THR B 193 -9.08 -11.61 32.90
CA THR B 193 -7.93 -10.75 33.06
C THR B 193 -8.34 -9.28 32.97
N TRP B 194 -9.51 -9.00 32.39
CA TRP B 194 -10.04 -7.65 32.38
C TRP B 194 -11.54 -7.69 32.63
N PRO B 195 -12.10 -6.79 33.47
CA PRO B 195 -11.31 -5.69 34.05
C PRO B 195 -10.62 -5.98 35.38
N SER B 196 -10.50 -7.28 35.73
CA SER B 196 -9.99 -7.65 37.04
C SER B 196 -8.51 -7.27 37.16
N GLU B 197 -7.78 -7.31 36.04
CA GLU B 197 -6.37 -6.97 36.03
C GLU B 197 -6.15 -5.70 35.20
N THR B 198 -4.93 -5.18 35.24
CA THR B 198 -4.62 -3.90 34.61
C THR B 198 -4.17 -4.12 33.17
N VAL B 199 -4.77 -3.34 32.25
CA VAL B 199 -4.39 -3.36 30.85
C VAL B 199 -4.05 -1.94 30.41
N THR B 200 -2.87 -1.79 29.80
CA THR B 200 -2.32 -0.48 29.46
C THR B 200 -1.73 -0.52 28.05
N CYS B 201 -1.99 0.54 27.28
CA CYS B 201 -1.33 0.71 25.99
C CYS B 201 -0.25 1.77 26.12
N ASN B 202 0.94 1.43 25.60
CA ASN B 202 2.10 2.30 25.66
C ASN B 202 2.37 2.85 24.26
N VAL B 203 2.19 4.16 24.09
CA VAL B 203 2.34 4.79 22.79
C VAL B 203 3.56 5.71 22.81
N ALA B 204 4.42 5.54 21.81
CA ALA B 204 5.64 6.33 21.69
C ALA B 204 5.67 7.02 20.33
N HIS B 205 5.82 8.35 20.35
CA HIS B 205 5.98 9.13 19.14
C HIS B 205 7.37 9.76 19.15
N PRO B 206 8.39 9.07 18.60
CA PRO B 206 9.78 9.53 18.67
C PRO B 206 9.97 10.97 18.19
N ALA B 207 9.31 11.31 17.08
CA ALA B 207 9.46 12.62 16.45
C ALA B 207 9.14 13.72 17.46
N SER B 208 8.20 13.45 18.36
CA SER B 208 7.82 14.41 19.39
C SER B 208 8.54 14.09 20.69
N SER B 209 9.18 12.91 20.73
CA SER B 209 9.91 12.45 21.90
C SER B 209 8.93 12.15 23.04
N THR B 210 7.69 11.80 22.67
CA THR B 210 6.63 11.56 23.63
C THR B 210 6.46 10.06 23.83
N LYS B 211 6.06 9.68 25.05
CA LYS B 211 5.78 8.30 25.40
C LYS B 211 4.70 8.26 26.48
N VAL B 212 3.46 7.94 26.07
CA VAL B 212 2.32 8.02 26.97
C VAL B 212 1.83 6.61 27.29
N ASP B 213 1.27 6.47 28.50
CA ASP B 213 0.63 5.24 28.93
C ASP B 213 -0.81 5.56 29.31
N LYS B 214 -1.76 4.81 28.73
CA LYS B 214 -3.16 5.00 29.03
C LYS B 214 -3.77 3.69 29.53
N LYS B 215 -4.37 3.75 30.72
CA LYS B 215 -4.98 2.59 31.35
C LYS B 215 -6.42 2.45 30.84
N ILE B 216 -6.81 1.21 30.55
CA ILE B 216 -8.16 0.92 30.10
C ILE B 216 -9.01 0.60 31.33
N VAL B 217 -9.80 1.58 31.77
CA VAL B 217 -10.67 1.42 32.92
C VAL B 217 -12.07 1.09 32.43
N PRO B 218 -12.78 0.15 33.09
CA PRO B 218 -14.17 -0.13 32.76
C PRO B 218 -15.03 1.13 32.90
N ARG B 219 -16.29 1.04 32.45
CA ARG B 219 -17.17 2.20 32.38
C ARG B 219 -18.52 1.84 33.02
N ASP B 220 -18.60 2.01 34.34
CA ASP B 220 -19.82 1.71 35.09
C ASP B 220 -20.59 0.60 34.37
N GLN C 1 23.40 5.54 -26.70
CA GLN C 1 22.22 5.53 -27.60
C GLN C 1 21.00 6.07 -26.85
N LYS C 2 20.17 6.83 -27.56
CA LYS C 2 18.95 7.37 -27.00
C LYS C 2 17.75 6.59 -27.53
N CYS C 3 17.86 6.15 -28.78
CA CYS C 3 16.77 5.48 -29.46
C CYS C 3 16.65 4.05 -28.95
N VAL C 4 15.79 3.90 -27.93
CA VAL C 4 15.62 2.64 -27.20
C VAL C 4 14.94 1.62 -28.11
N PHE C 5 15.17 0.33 -27.79
CA PHE C 5 14.75 -0.76 -28.65
C PHE C 5 13.26 -1.06 -28.45
N PHE C 6 12.43 -0.02 -28.59
CA PHE C 6 11.00 -0.21 -28.74
C PHE C 6 10.73 -0.89 -30.08
N ALA C 7 9.54 -1.50 -30.20
CA ALA C 7 9.08 -2.00 -31.48
C ALA C 7 8.61 -0.82 -32.33
N GLU C 8 7.99 0.16 -31.67
CA GLU C 8 7.57 1.40 -32.29
C GLU C 8 7.83 2.55 -31.32
N ASP C 9 8.83 3.38 -31.62
CA ASP C 9 9.13 4.54 -30.79
C ASP C 9 8.24 5.69 -31.25
N VAL C 10 7.03 5.72 -30.70
CA VAL C 10 6.01 6.70 -31.10
C VAL C 10 6.35 8.06 -30.51
N GLY C 11 6.26 9.09 -31.34
CA GLY C 11 6.40 10.47 -30.90
C GLY C 11 7.86 10.87 -30.69
N SER C 12 8.78 10.12 -31.32
CA SER C 12 10.20 10.39 -31.21
C SER C 12 10.77 10.76 -32.58
N ASN C 13 12.03 11.21 -32.57
CA ASN C 13 12.75 11.50 -33.80
C ASN C 13 13.73 10.38 -34.09
N CYS C 14 13.31 9.14 -33.79
CA CYS C 14 14.18 7.98 -33.90
C CYS C 14 13.85 7.15 -35.13
N GLY C 15 13.09 7.75 -36.06
CA GLY C 15 12.68 7.08 -37.28
C GLY C 15 13.61 7.41 -38.45
#